data_8Z36
#
_entry.id   8Z36
#
_cell.length_a   92.173
_cell.length_b   114.806
_cell.length_c   66.130
_cell.angle_alpha   90.00
_cell.angle_beta   110.52
_cell.angle_gamma   90.00
#
_symmetry.space_group_name_H-M   'C 1 2 1'
#
loop_
_entity.id
_entity.type
_entity.pdbx_description
1 polymer 'E3 ubiquitin-protein ligase RNF31'
2 non-polymer (1S,4S)-4-(3,4-dichlorophenyl)-N-methyl-1,2,3,4-tetrahydronaphthalen-1-amine
3 water water
#
_entity_poly.entity_id   1
_entity_poly.type   'polypeptide(L)'
_entity_poly.pdbx_seq_one_letter_code
;EEEERAFLVAREELASALRRDSGQAFSLEQLRPLLASSLPLAARYLQLDAARLVRCNAHGEPRNYLNTLSTALNILEKYG
RNLLSPQRPRYWRGVKFNNPVFRSTVDAVQGGRDVLRLYGYTEEQPDGLSFPEGQEEPDEHQVATVTLEVLLLRTELSLL
LQNTHPRQQALEQLLE
;
_entity_poly.pdbx_strand_id   A,B,C
#
# COMPACT_ATOMS: atom_id res chain seq x y z
N GLU A 3 33.70 -8.69 -1.08
CA GLU A 3 32.66 -8.77 -2.09
C GLU A 3 32.00 -7.42 -2.30
N GLU A 4 32.29 -6.47 -1.40
CA GLU A 4 31.73 -5.13 -1.55
C GLU A 4 32.33 -4.40 -2.75
N ARG A 5 33.56 -4.74 -3.13
CA ARG A 5 34.17 -4.11 -4.30
C ARG A 5 33.59 -4.64 -5.59
N ALA A 6 33.33 -5.95 -5.66
CA ALA A 6 32.75 -6.53 -6.86
C ALA A 6 31.30 -6.07 -7.05
N PHE A 7 30.57 -5.85 -5.96
CA PHE A 7 29.20 -5.38 -6.07
C PHE A 7 29.16 -3.91 -6.53
N LEU A 8 30.09 -3.10 -6.04
CA LEU A 8 30.11 -1.69 -6.44
C LEU A 8 30.60 -1.53 -7.88
N VAL A 9 31.45 -2.43 -8.35
CA VAL A 9 31.91 -2.35 -9.74
C VAL A 9 30.78 -2.67 -10.70
N ALA A 10 29.98 -3.69 -10.39
CA ALA A 10 28.84 -4.03 -11.25
C ALA A 10 27.71 -3.01 -11.13
N ARG A 11 27.68 -2.23 -10.04
CA ARG A 11 26.69 -1.17 -9.93
C ARG A 11 26.96 -0.06 -10.95
N GLU A 12 28.21 0.41 -11.01
CA GLU A 12 28.58 1.43 -11.98
C GLU A 12 28.55 0.89 -13.41
N GLU A 13 28.71 -0.42 -13.59
CA GLU A 13 28.67 -1.00 -14.92
C GLU A 13 27.26 -0.94 -15.50
N LEU A 14 26.27 -1.42 -14.74
CA LEU A 14 24.89 -1.40 -15.22
C LEU A 14 24.34 0.03 -15.26
N ALA A 15 24.78 0.89 -14.35
CA ALA A 15 24.33 2.28 -14.38
C ALA A 15 24.84 2.99 -15.62
N SER A 16 26.10 2.75 -16.00
CA SER A 16 26.62 3.32 -17.24
C SER A 16 25.94 2.70 -18.46
N ALA A 17 25.49 1.45 -18.35
CA ALA A 17 24.78 0.82 -19.46
C ALA A 17 23.41 1.43 -19.67
N LEU A 18 22.74 1.81 -18.58
CA LEU A 18 21.43 2.45 -18.70
C LEU A 18 21.56 3.83 -19.35
N ARG A 19 22.66 4.54 -19.06
CA ARG A 19 22.88 5.84 -19.71
C ARG A 19 23.23 5.66 -21.18
N ARG A 20 23.89 4.57 -21.54
CA ARG A 20 24.21 4.30 -22.94
C ARG A 20 22.94 4.00 -23.73
N ASP A 21 22.12 3.07 -23.23
CA ASP A 21 20.87 2.71 -23.87
C ASP A 21 19.80 2.59 -22.80
N SER A 22 18.86 3.55 -22.78
CA SER A 22 17.81 3.54 -21.76
C SER A 22 16.82 2.40 -21.95
N GLY A 23 16.67 1.90 -23.16
CA GLY A 23 15.75 0.81 -23.42
C GLY A 23 16.43 -0.54 -23.52
N GLN A 24 17.62 -0.64 -22.94
CA GLN A 24 18.39 -1.88 -22.99
C GLN A 24 17.85 -2.87 -21.96
N ALA A 25 17.55 -4.08 -22.42
CA ALA A 25 17.05 -5.14 -21.55
C ALA A 25 18.19 -5.92 -20.93
N PHE A 26 18.08 -6.18 -19.63
CA PHE A 26 19.08 -6.91 -18.88
C PHE A 26 18.58 -8.31 -18.56
N SER A 27 19.47 -9.28 -18.63
CA SER A 27 19.12 -10.67 -18.34
C SER A 27 19.42 -11.00 -16.88
N LEU A 28 18.96 -12.18 -16.45
CA LEU A 28 19.22 -12.62 -15.09
C LEU A 28 20.70 -12.87 -14.86
N GLU A 29 21.46 -13.19 -15.91
CA GLU A 29 22.90 -13.37 -15.76
C GLU A 29 23.61 -12.04 -15.60
N GLN A 30 23.12 -10.99 -16.26
CA GLN A 30 23.72 -9.68 -16.11
C GLN A 30 23.50 -9.12 -14.71
N LEU A 31 22.37 -9.45 -14.07
CA LEU A 31 22.10 -9.04 -12.71
C LEU A 31 22.52 -10.08 -11.69
N ARG A 32 23.15 -11.17 -12.13
CA ARG A 32 23.58 -12.21 -11.19
C ARG A 32 24.56 -11.71 -10.12
N PRO A 33 25.58 -10.90 -10.44
CA PRO A 33 26.45 -10.39 -9.37
C PRO A 33 25.72 -9.52 -8.36
N LEU A 34 24.53 -9.03 -8.69
CA LEU A 34 23.74 -8.23 -7.77
C LEU A 34 22.64 -9.02 -7.07
N LEU A 35 22.18 -10.12 -7.68
CA LEU A 35 21.14 -10.94 -7.07
C LEU A 35 21.72 -11.89 -6.02
N ALA A 36 22.57 -12.81 -6.45
CA ALA A 36 23.25 -13.73 -5.54
C ALA A 36 24.32 -12.93 -4.78
N SER A 37 24.00 -12.54 -3.55
CA SER A 37 24.88 -11.66 -2.79
C SER A 37 24.59 -11.83 -1.31
N SER A 38 25.65 -11.70 -0.51
CA SER A 38 25.56 -11.83 0.94
C SER A 38 25.58 -10.49 1.66
N LEU A 39 25.67 -9.38 0.92
CA LEU A 39 25.70 -8.07 1.55
C LEU A 39 24.33 -7.70 2.11
N PRO A 40 24.29 -6.88 3.15
CA PRO A 40 22.99 -6.42 3.68
C PRO A 40 22.25 -5.57 2.67
N LEU A 41 20.97 -5.31 2.98
CA LEU A 41 20.14 -4.52 2.08
C LEU A 41 20.60 -3.07 2.02
N ALA A 42 21.04 -2.52 3.16
CA ALA A 42 21.49 -1.13 3.16
C ALA A 42 22.73 -0.94 2.30
N ALA A 43 23.53 -2.00 2.12
CA ALA A 43 24.68 -1.93 1.25
C ALA A 43 24.35 -2.24 -0.20
N ARG A 44 23.23 -2.92 -0.47
CA ARG A 44 22.84 -3.23 -1.84
C ARG A 44 21.92 -2.17 -2.43
N TYR A 45 21.15 -1.47 -1.60
CA TYR A 45 20.26 -0.40 -2.05
C TYR A 45 20.67 0.88 -1.33
N LEU A 46 21.23 1.83 -2.06
CA LEU A 46 21.73 3.07 -1.49
C LEU A 46 20.72 4.21 -1.56
N GLN A 47 19.95 4.30 -2.64
CA GLN A 47 18.95 5.35 -2.80
C GLN A 47 17.54 4.84 -2.56
N LEU A 48 17.17 3.71 -3.16
CA LEU A 48 15.85 3.14 -2.98
C LEU A 48 15.76 2.48 -1.61
N ASP A 49 14.77 2.90 -0.82
CA ASP A 49 14.54 2.33 0.51
C ASP A 49 13.73 1.05 0.35
N ALA A 50 14.42 -0.02 -0.05
CA ALA A 50 13.75 -1.29 -0.29
C ALA A 50 13.20 -1.89 1.01
N ALA A 51 13.80 -1.54 2.16
CA ALA A 51 13.31 -2.07 3.42
C ALA A 51 11.90 -1.59 3.73
N ARG A 52 11.67 -0.28 3.58
CA ARG A 52 10.33 0.26 3.84
C ARG A 52 9.37 -0.04 2.70
N LEU A 53 9.87 -0.13 1.47
CA LEU A 53 8.98 -0.42 0.34
C LEU A 53 8.31 -1.77 0.48
N VAL A 54 8.99 -2.73 1.10
CA VAL A 54 8.40 -4.04 1.35
C VAL A 54 7.63 -4.05 2.66
N ARG A 55 8.16 -3.41 3.70
CA ARG A 55 7.51 -3.41 5.01
C ARG A 55 6.19 -2.64 4.98
N CYS A 56 6.13 -1.55 4.22
CA CYS A 56 4.92 -0.74 4.14
C CYS A 56 3.91 -1.28 3.14
N ASN A 57 4.19 -2.41 2.49
CA ASN A 57 3.28 -2.94 1.48
C ASN A 57 3.15 -4.46 1.53
N ALA A 58 3.54 -5.09 2.64
CA ALA A 58 3.42 -6.54 2.79
C ALA A 58 2.13 -6.90 3.53
N HIS A 59 1.01 -6.53 2.92
CA HIS A 59 -0.31 -6.77 3.49
C HIS A 59 -1.06 -7.78 2.63
N GLY A 60 -1.60 -8.81 3.27
CA GLY A 60 -2.34 -9.84 2.57
C GLY A 60 -1.48 -11.02 2.17
N GLU A 61 -1.88 -11.72 1.11
CA GLU A 61 -1.12 -12.89 0.67
C GLU A 61 0.14 -12.44 -0.09
N PRO A 62 1.27 -13.13 0.13
CA PRO A 62 2.49 -12.75 -0.59
C PRO A 62 2.36 -12.84 -2.10
N ARG A 63 1.59 -13.81 -2.61
CA ARG A 63 1.37 -13.90 -4.05
C ARG A 63 0.63 -12.69 -4.61
N ASN A 64 0.04 -11.86 -3.74
CA ASN A 64 -0.69 -10.67 -4.19
C ASN A 64 0.16 -9.41 -4.09
N TYR A 65 0.65 -9.08 -2.90
CA TYR A 65 1.35 -7.80 -2.73
C TYR A 65 2.72 -7.79 -3.37
N LEU A 66 3.37 -8.96 -3.54
CA LEU A 66 4.63 -8.99 -4.27
C LEU A 66 4.41 -8.68 -5.75
N ASN A 67 3.25 -9.08 -6.29
CA ASN A 67 2.94 -8.75 -7.67
C ASN A 67 2.57 -7.29 -7.83
N THR A 68 1.82 -6.74 -6.85
CA THR A 68 1.50 -5.33 -6.88
C THR A 68 2.75 -4.48 -6.72
N LEU A 69 3.68 -4.91 -5.86
CA LEU A 69 4.92 -4.17 -5.68
C LEU A 69 5.79 -4.21 -6.94
N SER A 70 5.88 -5.38 -7.59
CA SER A 70 6.71 -5.48 -8.79
C SER A 70 6.09 -4.73 -9.96
N THR A 71 4.76 -4.68 -10.03
CA THR A 71 4.11 -3.92 -11.09
C THR A 71 4.36 -2.42 -10.92
N ALA A 72 4.24 -1.92 -9.69
CA ALA A 72 4.51 -0.51 -9.44
C ALA A 72 5.97 -0.17 -9.70
N LEU A 73 6.89 -1.10 -9.40
CA LEU A 73 8.30 -0.86 -9.69
C LEU A 73 8.57 -0.91 -11.19
N ASN A 74 7.83 -1.72 -11.93
CA ASN A 74 7.99 -1.73 -13.38
C ASN A 74 7.58 -0.40 -13.99
N ILE A 75 6.58 0.27 -13.41
CA ILE A 75 6.18 1.58 -13.89
C ILE A 75 7.19 2.64 -13.47
N LEU A 76 7.69 2.55 -12.23
CA LEU A 76 8.73 3.47 -11.78
C LEU A 76 10.01 3.29 -12.57
N GLU A 77 10.32 2.07 -13.00
CA GLU A 77 11.50 1.83 -13.82
C GLU A 77 11.36 2.50 -15.19
N LYS A 78 10.16 2.47 -15.77
CA LYS A 78 9.94 3.12 -17.05
C LYS A 78 10.10 4.63 -16.94
N TYR A 79 9.71 5.22 -15.81
CA TYR A 79 9.88 6.65 -15.62
C TYR A 79 11.35 7.03 -15.61
N GLY A 80 12.18 6.25 -14.91
CA GLY A 80 13.60 6.54 -14.89
C GLY A 80 14.27 6.29 -16.22
N ARG A 81 13.85 5.24 -16.94
CA ARG A 81 14.39 4.97 -18.26
C ARG A 81 13.98 6.05 -19.25
N ASN A 82 12.80 6.65 -19.07
CA ASN A 82 12.37 7.71 -19.97
C ASN A 82 13.23 8.96 -19.80
N LEU A 83 13.67 9.24 -18.56
CA LEU A 83 14.52 10.40 -18.32
C LEU A 83 15.93 10.21 -18.88
N LEU A 84 16.36 8.97 -19.09
CA LEU A 84 17.66 8.69 -19.67
C LEU A 84 17.61 8.50 -21.18
N SER A 85 16.43 8.60 -21.78
CA SER A 85 16.32 8.41 -23.22
C SER A 85 16.87 9.63 -23.96
N PRO A 86 17.50 9.44 -25.11
CA PRO A 86 17.99 10.59 -25.88
C PRO A 86 16.87 11.53 -26.32
N GLN A 87 15.68 10.99 -26.56
CA GLN A 87 14.49 11.78 -26.90
C GLN A 87 13.50 11.62 -25.74
N ARG A 88 13.64 12.47 -24.73
CA ARG A 88 12.79 12.39 -23.56
C ARG A 88 11.34 12.70 -23.92
N PRO A 89 10.38 12.17 -23.17
CA PRO A 89 8.97 12.52 -23.42
C PRO A 89 8.75 14.01 -23.24
N ARG A 90 7.78 14.53 -24.00
CA ARG A 90 7.53 15.97 -24.01
C ARG A 90 7.07 16.49 -22.65
N TYR A 91 6.58 15.62 -21.77
CA TYR A 91 6.10 16.01 -20.45
C TYR A 91 6.93 15.33 -19.36
N TRP A 92 8.25 15.25 -19.58
CA TRP A 92 9.13 14.60 -18.61
C TRP A 92 9.29 15.41 -17.33
N ARG A 93 9.03 16.71 -17.37
CA ARG A 93 9.28 17.57 -16.22
C ARG A 93 8.26 17.36 -15.09
N GLY A 94 7.18 16.64 -15.34
CA GLY A 94 6.16 16.45 -14.31
C GLY A 94 5.45 15.12 -14.46
N VAL A 95 4.93 14.63 -13.34
CA VAL A 95 4.12 13.42 -13.30
C VAL A 95 2.80 13.77 -12.62
N LYS A 96 1.70 13.33 -13.22
CA LYS A 96 0.36 13.64 -12.72
C LYS A 96 -0.15 12.49 -11.86
N PHE A 97 -0.70 12.83 -10.70
CA PHE A 97 -1.25 11.81 -9.81
C PHE A 97 -2.51 11.18 -10.39
N ASN A 98 -3.25 11.90 -11.21
CA ASN A 98 -4.51 11.44 -11.76
C ASN A 98 -4.33 10.61 -13.04
N ASN A 99 -3.10 10.25 -13.38
CA ASN A 99 -2.88 9.38 -14.53
C ASN A 99 -3.48 8.02 -14.28
N PRO A 100 -4.19 7.44 -15.25
CA PRO A 100 -4.83 6.14 -15.01
C PRO A 100 -3.84 5.02 -14.74
N VAL A 101 -2.67 5.04 -15.38
CA VAL A 101 -1.66 4.01 -15.13
C VAL A 101 -0.95 4.27 -13.81
N PHE A 102 -0.66 5.55 -13.51
CA PHE A 102 0.07 5.88 -12.29
C PHE A 102 -0.76 5.59 -11.05
N ARG A 103 -2.03 6.02 -11.04
CA ARG A 103 -2.87 5.83 -9.87
C ARG A 103 -3.20 4.37 -9.61
N SER A 104 -3.10 3.51 -10.63
CA SER A 104 -3.43 2.11 -10.49
C SER A 104 -2.24 1.25 -10.07
N THR A 105 -1.01 1.74 -10.26
CA THR A 105 0.19 0.96 -9.96
C THR A 105 1.05 1.66 -8.92
N VAL A 106 1.68 2.79 -9.24
CA VAL A 106 2.62 3.40 -8.33
C VAL A 106 1.90 4.00 -7.12
N ASP A 107 0.84 4.75 -7.36
CA ASP A 107 0.11 5.39 -6.26
C ASP A 107 -0.61 4.39 -5.37
N ALA A 108 -0.74 3.13 -5.80
CA ALA A 108 -1.31 2.09 -4.96
C ALA A 108 -0.30 1.49 -3.99
N VAL A 109 0.95 1.97 -4.00
CA VAL A 109 2.01 1.45 -3.17
C VAL A 109 2.49 2.56 -2.24
N GLN A 110 2.58 2.25 -0.95
CA GLN A 110 3.07 3.21 0.04
C GLN A 110 4.55 3.49 -0.22
N GLY A 111 4.87 4.71 -0.62
CA GLY A 111 6.23 5.10 -0.93
C GLY A 111 6.55 5.18 -2.40
N GLY A 112 5.57 4.94 -3.28
CA GLY A 112 5.83 5.05 -4.70
C GLY A 112 6.13 6.48 -5.12
N ARG A 113 5.49 7.46 -4.50
CA ARG A 113 5.78 8.85 -4.79
C ARG A 113 7.19 9.23 -4.33
N ASP A 114 7.68 8.60 -3.26
CA ASP A 114 9.04 8.87 -2.80
C ASP A 114 10.08 8.43 -3.82
N VAL A 115 9.78 7.40 -4.60
CA VAL A 115 10.69 6.98 -5.66
C VAL A 115 10.75 8.03 -6.76
N LEU A 116 9.62 8.67 -7.04
CA LEU A 116 9.61 9.75 -8.02
C LEU A 116 10.43 10.94 -7.53
N ARG A 117 10.40 11.21 -6.22
CA ARG A 117 11.21 12.29 -5.67
C ARG A 117 12.70 12.00 -5.82
N LEU A 118 13.09 10.73 -5.76
CA LEU A 118 14.48 10.37 -5.96
C LEU A 118 14.93 10.61 -7.40
N TYR A 119 13.99 10.51 -8.36
CA TYR A 119 14.32 10.80 -9.75
C TYR A 119 14.58 12.28 -9.96
N GLY A 120 13.94 13.14 -9.16
CA GLY A 120 14.09 14.57 -9.30
C GLY A 120 12.80 15.33 -9.14
N TYR A 121 11.67 14.62 -9.18
CA TYR A 121 10.35 15.23 -9.01
C TYR A 121 10.17 15.61 -7.55
N THR A 122 10.81 16.71 -7.16
CA THR A 122 10.81 17.14 -5.76
C THR A 122 9.76 18.19 -5.45
N GLU A 123 9.32 18.97 -6.44
CA GLU A 123 8.35 20.03 -6.20
C GLU A 123 6.94 19.45 -6.16
N GLU A 124 6.26 19.63 -5.04
CA GLU A 124 4.93 19.07 -4.85
C GLU A 124 3.86 20.06 -5.30
N GLN A 125 2.95 19.60 -6.15
CA GLN A 125 1.81 20.37 -6.61
C GLN A 125 0.54 19.57 -6.34
N PRO A 126 -0.62 20.24 -6.26
CA PRO A 126 -1.85 19.52 -5.93
C PRO A 126 -2.17 18.36 -6.86
N ASP A 127 -1.71 18.39 -8.11
CA ASP A 127 -2.05 17.36 -9.08
C ASP A 127 -0.90 16.41 -9.40
N GLY A 128 0.23 16.53 -8.71
CA GLY A 128 1.33 15.61 -8.97
C GLY A 128 2.65 16.09 -8.40
N LEU A 129 3.73 15.66 -9.05
CA LEU A 129 5.08 16.04 -8.69
C LEU A 129 5.82 16.49 -9.94
N SER A 130 6.75 17.42 -9.77
CA SER A 130 7.43 18.01 -10.91
C SER A 130 8.87 18.32 -10.55
N PHE A 131 9.70 18.44 -11.59
CA PHE A 131 11.07 18.88 -11.42
C PHE A 131 11.11 20.36 -11.05
N PRO A 132 12.17 20.82 -10.38
CA PRO A 132 12.33 22.25 -10.16
C PRO A 132 12.40 23.01 -11.49
N GLU A 133 11.74 24.17 -11.53
CA GLU A 133 11.65 24.92 -12.78
C GLU A 133 13.00 25.38 -13.26
N GLY A 134 13.95 25.63 -12.36
CA GLY A 134 15.27 26.08 -12.70
C GLY A 134 16.24 24.99 -13.12
N GLN A 135 15.78 23.74 -13.22
CA GLN A 135 16.63 22.62 -13.61
C GLN A 135 16.43 22.34 -15.09
N GLU A 136 17.51 22.43 -15.86
CA GLU A 136 17.43 22.22 -17.31
C GLU A 136 17.33 20.74 -17.65
N GLU A 137 18.23 19.93 -17.09
CA GLU A 137 18.29 18.49 -17.37
C GLU A 137 18.25 17.72 -16.07
N PRO A 138 17.74 16.49 -16.09
CA PRO A 138 17.74 15.66 -14.88
C PRO A 138 19.15 15.17 -14.54
N ASP A 139 19.33 14.81 -13.28
CA ASP A 139 20.59 14.26 -12.81
C ASP A 139 20.75 12.85 -13.39
N GLU A 140 21.55 12.74 -14.47
CA GLU A 140 21.68 11.47 -15.17
C GLU A 140 22.30 10.40 -14.27
N HIS A 141 23.29 10.79 -13.46
CA HIS A 141 23.92 9.82 -12.56
C HIS A 141 22.94 9.36 -11.48
N GLN A 142 22.15 10.28 -10.94
CA GLN A 142 21.19 9.92 -9.90
C GLN A 142 20.03 9.11 -10.49
N VAL A 143 19.52 9.53 -11.65
CA VAL A 143 18.39 8.83 -12.27
C VAL A 143 18.80 7.41 -12.63
N ALA A 144 20.00 7.24 -13.20
CA ALA A 144 20.46 5.90 -13.55
C ALA A 144 20.66 5.03 -12.33
N THR A 145 21.09 5.62 -11.20
CA THR A 145 21.29 4.83 -9.99
C THR A 145 19.95 4.36 -9.42
N VAL A 146 18.96 5.26 -9.36
CA VAL A 146 17.65 4.87 -8.86
C VAL A 146 16.98 3.88 -9.82
N THR A 147 17.17 4.06 -11.13
CA THR A 147 16.56 3.17 -12.10
C THR A 147 17.11 1.75 -11.96
N LEU A 148 18.42 1.62 -11.70
CA LEU A 148 19.01 0.30 -11.54
C LEU A 148 18.52 -0.37 -10.26
N GLU A 149 18.46 0.38 -9.16
CA GLU A 149 17.98 -0.19 -7.90
C GLU A 149 16.51 -0.59 -8.00
N VAL A 150 15.71 0.23 -8.68
CA VAL A 150 14.30 -0.11 -8.89
C VAL A 150 14.20 -1.37 -9.74
N LEU A 151 15.01 -1.47 -10.79
CA LEU A 151 15.03 -2.67 -11.61
C LEU A 151 15.46 -3.89 -10.80
N LEU A 152 16.42 -3.71 -9.89
CA LEU A 152 16.90 -4.84 -9.09
C LEU A 152 15.84 -5.31 -8.10
N LEU A 153 15.16 -4.37 -7.44
CA LEU A 153 14.12 -4.77 -6.49
C LEU A 153 12.97 -5.47 -7.19
N ARG A 154 12.56 -4.97 -8.35
CA ARG A 154 11.49 -5.63 -9.12
C ARG A 154 11.93 -7.02 -9.55
N THR A 155 13.20 -7.17 -9.95
CA THR A 155 13.71 -8.48 -10.32
C THR A 155 13.72 -9.42 -9.13
N GLU A 156 14.10 -8.92 -7.95
CA GLU A 156 14.11 -9.75 -6.75
C GLU A 156 12.70 -10.19 -6.37
N LEU A 157 11.72 -9.28 -6.48
CA LEU A 157 10.34 -9.64 -6.20
C LEU A 157 9.81 -10.65 -7.21
N SER A 158 10.24 -10.51 -8.47
CA SER A 158 9.79 -11.45 -9.50
C SER A 158 10.37 -12.84 -9.28
N LEU A 159 11.66 -12.92 -8.92
CA LEU A 159 12.29 -14.22 -8.68
C LEU A 159 11.65 -14.93 -7.49
N LEU A 160 11.13 -14.18 -6.52
CA LEU A 160 10.47 -14.80 -5.39
C LEU A 160 9.16 -15.44 -5.80
N LEU A 161 8.45 -14.85 -6.75
CA LEU A 161 7.17 -15.40 -7.19
C LEU A 161 7.35 -16.66 -8.03
N GLN A 162 8.48 -16.77 -8.74
CA GLN A 162 8.78 -17.96 -9.53
C GLN A 162 9.54 -19.02 -8.75
N ASN A 163 9.83 -18.78 -7.47
CA ASN A 163 10.57 -19.72 -6.63
C ASN A 163 11.96 -20.02 -7.21
N THR A 164 12.59 -19.00 -7.80
CA THR A 164 13.91 -19.14 -8.40
C THR A 164 14.91 -18.15 -7.83
N HIS A 165 14.58 -17.45 -6.76
CA HIS A 165 15.51 -16.51 -6.16
C HIS A 165 16.70 -17.26 -5.56
N PRO A 166 17.92 -16.74 -5.74
CA PRO A 166 19.09 -17.43 -5.16
C PRO A 166 19.02 -17.55 -3.65
N ARG A 167 18.41 -16.58 -2.98
CA ARG A 167 18.22 -16.66 -1.53
C ARG A 167 16.72 -16.72 -1.23
N GLN A 168 16.01 -17.60 -1.93
CA GLN A 168 14.57 -17.70 -1.78
C GLN A 168 14.17 -18.12 -0.38
N GLN A 169 14.84 -19.15 0.16
CA GLN A 169 14.48 -19.67 1.47
C GLN A 169 14.64 -18.60 2.55
N ALA A 170 15.77 -17.88 2.54
CA ALA A 170 16.01 -16.86 3.55
C ALA A 170 15.04 -15.70 3.40
N LEU A 171 14.70 -15.34 2.18
CA LEU A 171 13.78 -14.21 1.96
C LEU A 171 12.37 -14.55 2.40
N GLU A 172 11.95 -15.81 2.27
CA GLU A 172 10.61 -16.20 2.67
C GLU A 172 10.44 -16.18 4.19
N GLN A 173 11.52 -16.41 4.94
CA GLN A 173 11.45 -16.34 6.39
C GLN A 173 11.34 -14.90 6.90
N LEU A 174 11.59 -13.91 6.06
CA LEU A 174 11.46 -12.50 6.43
C LEU A 174 10.05 -11.97 6.18
N LEU A 175 9.11 -12.82 5.80
CA LEU A 175 7.75 -12.38 5.53
C LEU A 175 6.75 -13.16 6.38
N GLU B 1 -20.90 19.03 10.44
CA GLU B 1 -21.13 20.41 10.85
C GLU B 1 -21.02 20.55 12.37
N GLU B 2 -22.01 20.04 13.09
CA GLU B 2 -22.00 20.12 14.54
C GLU B 2 -20.90 19.26 15.13
N GLU B 3 -20.66 18.08 14.54
CA GLU B 3 -19.59 17.20 15.04
C GLU B 3 -18.22 17.71 14.61
N GLU B 4 -18.11 18.27 13.41
CA GLU B 4 -16.82 18.77 12.93
C GLU B 4 -16.43 20.06 13.66
N ARG B 5 -17.40 20.80 14.17
CA ARG B 5 -17.08 22.02 14.90
C ARG B 5 -16.51 21.71 16.28
N ALA B 6 -17.08 20.73 16.98
CA ALA B 6 -16.58 20.35 18.29
C ALA B 6 -15.20 19.71 18.23
N PHE B 7 -14.81 19.17 17.07
CA PHE B 7 -13.49 18.57 16.95
C PHE B 7 -12.40 19.64 16.98
N LEU B 8 -12.55 20.70 16.17
CA LEU B 8 -11.55 21.75 16.14
C LEU B 8 -11.51 22.53 17.46
N VAL B 9 -12.63 22.60 18.17
CA VAL B 9 -12.65 23.27 19.46
C VAL B 9 -11.88 22.47 20.49
N ALA B 10 -12.13 21.15 20.55
CA ALA B 10 -11.43 20.31 21.52
C ALA B 10 -9.94 20.20 21.20
N ARG B 11 -9.58 20.20 19.91
CA ARG B 11 -8.17 20.08 19.54
C ARG B 11 -7.38 21.30 20.00
N GLU B 12 -7.92 22.50 19.77
CA GLU B 12 -7.23 23.71 20.20
C GLU B 12 -7.28 23.88 21.72
N GLU B 13 -8.33 23.36 22.37
CA GLU B 13 -8.43 23.47 23.82
C GLU B 13 -7.42 22.56 24.51
N LEU B 14 -7.36 21.29 24.10
CA LEU B 14 -6.45 20.36 24.72
C LEU B 14 -5.00 20.66 24.39
N ALA B 15 -4.75 21.29 23.24
CA ALA B 15 -3.38 21.69 22.90
C ALA B 15 -2.87 22.77 23.84
N SER B 16 -3.77 23.66 24.29
CA SER B 16 -3.37 24.71 25.21
C SER B 16 -3.19 24.18 26.63
N ALA B 17 -4.02 23.21 27.02
CA ALA B 17 -3.86 22.58 28.32
C ALA B 17 -2.49 21.92 28.45
N LEU B 18 -1.95 21.40 27.34
CA LEU B 18 -0.60 20.86 27.35
C LEU B 18 0.44 21.97 27.45
N ARG B 19 0.16 23.14 26.86
CA ARG B 19 1.08 24.26 26.98
C ARG B 19 1.03 24.87 28.38
N ARG B 20 -0.15 24.92 28.99
CA ARG B 20 -0.28 25.44 30.34
C ARG B 20 0.37 24.50 31.36
N ASP B 21 0.05 23.21 31.28
CA ASP B 21 0.62 22.21 32.16
C ASP B 21 0.99 20.99 31.31
N SER B 22 2.29 20.80 31.09
CA SER B 22 2.75 19.71 30.24
C SER B 22 2.51 18.33 30.85
N GLY B 23 2.39 18.26 32.18
CA GLY B 23 2.13 17.01 32.87
C GLY B 23 0.67 16.71 33.10
N GLN B 24 -0.23 17.45 32.48
CA GLN B 24 -1.66 17.25 32.70
C GLN B 24 -2.12 15.94 32.05
N ALA B 25 -2.89 15.16 32.79
CA ALA B 25 -3.47 13.93 32.28
C ALA B 25 -4.88 14.19 31.75
N PHE B 26 -5.20 13.57 30.62
CA PHE B 26 -6.49 13.72 29.97
C PHE B 26 -7.29 12.43 30.11
N SER B 27 -8.56 12.55 30.47
CA SER B 27 -9.44 11.41 30.59
C SER B 27 -10.06 11.06 29.25
N LEU B 28 -10.71 9.89 29.21
CA LEU B 28 -11.35 9.46 27.98
C LEU B 28 -12.51 10.37 27.61
N GLU B 29 -13.14 11.01 28.60
CA GLU B 29 -14.22 11.94 28.31
C GLU B 29 -13.70 13.24 27.69
N GLN B 30 -12.53 13.69 28.14
CA GLN B 30 -11.96 14.92 27.60
C GLN B 30 -11.52 14.76 26.15
N LEU B 31 -11.17 13.55 25.74
CA LEU B 31 -10.75 13.27 24.38
C LEU B 31 -11.87 12.69 23.52
N ARG B 32 -13.05 12.49 24.09
CA ARG B 32 -14.16 11.93 23.32
C ARG B 32 -14.54 12.74 22.09
N PRO B 33 -14.52 14.08 22.10
CA PRO B 33 -14.78 14.82 20.84
C PRO B 33 -13.79 14.51 19.73
N LEU B 34 -12.67 13.85 20.03
CA LEU B 34 -11.70 13.46 19.02
C LEU B 34 -11.70 11.97 18.69
N LEU B 35 -12.18 11.12 19.60
CA LEU B 35 -12.22 9.69 19.36
C LEU B 35 -13.52 9.26 18.69
N ALA B 36 -14.66 9.73 19.20
CA ALA B 36 -15.96 9.36 18.66
C ALA B 36 -16.32 10.14 17.40
N SER B 37 -15.46 11.05 16.94
CA SER B 37 -15.77 11.84 15.76
C SER B 37 -15.72 10.96 14.51
N SER B 38 -16.77 11.05 13.69
CA SER B 38 -16.83 10.34 12.43
C SER B 38 -16.12 11.07 11.29
N LEU B 39 -15.26 12.02 11.63
CA LEU B 39 -14.51 12.74 10.60
C LEU B 39 -13.47 11.82 9.96
N PRO B 40 -13.12 12.05 8.70
CA PRO B 40 -12.08 11.23 8.06
C PRO B 40 -10.74 11.41 8.76
N LEU B 41 -9.85 10.43 8.53
CA LEU B 41 -8.55 10.45 9.19
C LEU B 41 -7.68 11.61 8.72
N ALA B 42 -7.81 12.01 7.45
CA ALA B 42 -7.02 13.13 6.95
C ALA B 42 -7.41 14.44 7.65
N ALA B 43 -8.65 14.54 8.12
CA ALA B 43 -9.09 15.72 8.84
C ALA B 43 -8.85 15.64 10.34
N ARG B 44 -8.68 14.44 10.88
CA ARG B 44 -8.44 14.27 12.31
C ARG B 44 -6.97 14.38 12.68
N TYR B 45 -6.07 13.95 11.81
CA TYR B 45 -4.63 14.04 12.04
C TYR B 45 -4.03 14.93 10.97
N LEU B 46 -3.66 16.16 11.36
CA LEU B 46 -3.13 17.13 10.42
C LEU B 46 -1.61 17.08 10.30
N GLN B 47 -0.91 16.64 11.34
CA GLN B 47 0.54 16.53 11.35
C GLN B 47 1.03 15.10 11.42
N LEU B 48 0.54 14.33 12.39
CA LEU B 48 0.96 12.94 12.54
C LEU B 48 0.38 12.09 11.42
N ASP B 49 1.25 11.43 10.66
CA ASP B 49 0.83 10.53 9.59
C ASP B 49 0.33 9.24 10.22
N ALA B 50 -0.91 9.29 10.71
CA ALA B 50 -1.49 8.13 11.38
C ALA B 50 -1.71 6.98 10.42
N ALA B 51 -2.09 7.29 9.17
CA ALA B 51 -2.30 6.23 8.19
C ALA B 51 -1.01 5.49 7.88
N ARG B 52 0.11 6.22 7.79
CA ARG B 52 1.39 5.59 7.51
C ARG B 52 1.85 4.74 8.69
N LEU B 53 1.82 5.31 9.90
CA LEU B 53 2.29 4.58 11.08
C LEU B 53 1.53 3.28 11.28
N VAL B 54 0.24 3.25 10.96
CA VAL B 54 -0.54 2.03 11.10
C VAL B 54 -0.24 1.07 9.94
N ARG B 55 -0.13 1.60 8.73
CA ARG B 55 0.08 0.75 7.56
C ARG B 55 1.45 0.07 7.59
N CYS B 56 2.50 0.82 7.91
CA CYS B 56 3.86 0.28 7.87
C CYS B 56 4.22 -0.55 9.09
N ASN B 57 3.32 -0.69 10.07
CA ASN B 57 3.64 -1.43 11.28
C ASN B 57 2.55 -2.43 11.66
N ALA B 58 1.71 -2.82 10.69
CA ALA B 58 0.66 -3.81 10.95
C ALA B 58 1.11 -5.18 10.45
N HIS B 59 2.06 -5.75 11.18
CA HIS B 59 2.63 -7.05 10.86
C HIS B 59 2.47 -7.97 12.06
N GLY B 60 1.97 -9.18 11.82
CA GLY B 60 1.75 -10.13 12.88
C GLY B 60 0.34 -10.07 13.42
N GLU B 61 0.19 -10.55 14.66
CA GLU B 61 -1.11 -10.52 15.30
C GLU B 61 -1.45 -9.10 15.77
N PRO B 62 -2.71 -8.68 15.63
CA PRO B 62 -3.08 -7.34 16.09
C PRO B 62 -2.87 -7.12 17.58
N ARG B 63 -2.88 -8.19 18.38
CA ARG B 63 -2.62 -8.06 19.81
C ARG B 63 -1.19 -7.64 20.10
N ASN B 64 -0.29 -7.70 19.12
CA ASN B 64 1.12 -7.40 19.32
C ASN B 64 1.55 -6.09 18.68
N TYR B 65 1.25 -5.88 17.39
CA TYR B 65 1.74 -4.68 16.73
C TYR B 65 0.97 -3.43 17.15
N LEU B 66 -0.30 -3.58 17.53
CA LEU B 66 -0.99 -2.45 18.15
C LEU B 66 -0.38 -2.12 19.51
N ASN B 67 0.13 -3.14 20.22
CA ASN B 67 0.80 -2.92 21.47
C ASN B 67 2.18 -2.29 21.26
N THR B 68 2.91 -2.74 20.25
CA THR B 68 4.22 -2.16 19.95
C THR B 68 4.08 -0.71 19.49
N LEU B 69 3.07 -0.42 18.67
CA LEU B 69 2.85 0.95 18.21
C LEU B 69 2.44 1.85 19.37
N SER B 70 1.61 1.35 20.28
CA SER B 70 1.15 2.17 21.40
C SER B 70 2.30 2.52 22.34
N THR B 71 3.22 1.58 22.57
CA THR B 71 4.35 1.85 23.45
C THR B 71 5.29 2.88 22.84
N ALA B 72 5.57 2.77 21.54
CA ALA B 72 6.42 3.75 20.88
C ALA B 72 5.78 5.13 20.88
N LEU B 73 4.45 5.20 20.78
CA LEU B 73 3.77 6.48 20.83
C LEU B 73 3.79 7.09 22.23
N ASN B 74 3.77 6.23 23.26
CA ASN B 74 3.87 6.74 24.63
C ASN B 74 5.23 7.39 24.86
N ILE B 75 6.30 6.81 24.28
CA ILE B 75 7.62 7.42 24.41
C ILE B 75 7.68 8.73 23.62
N LEU B 76 7.10 8.74 22.42
CA LEU B 76 7.07 9.96 21.61
C LEU B 76 6.22 11.04 22.27
N GLU B 77 5.17 10.65 22.98
CA GLU B 77 4.35 11.63 23.69
C GLU B 77 5.13 12.27 24.83
N LYS B 78 6.00 11.50 25.48
CA LYS B 78 6.84 12.05 26.55
C LYS B 78 7.84 13.07 26.02
N TYR B 79 8.32 12.88 24.78
CA TYR B 79 9.25 13.85 24.20
C TYR B 79 8.57 15.19 23.98
N GLY B 80 7.33 15.19 23.49
CA GLY B 80 6.61 16.43 23.30
C GLY B 80 6.17 17.08 24.61
N ARG B 81 5.90 16.26 25.62
CA ARG B 81 5.52 16.82 26.92
C ARG B 81 6.71 17.48 27.60
N ASN B 82 7.91 16.92 27.43
CA ASN B 82 9.10 17.50 28.02
C ASN B 82 9.44 18.86 27.41
N LEU B 83 9.12 19.04 26.12
CA LEU B 83 9.40 20.32 25.47
C LEU B 83 8.46 21.42 25.96
N LEU B 84 7.25 21.06 26.36
CA LEU B 84 6.25 22.03 26.80
C LEU B 84 6.35 22.37 28.28
N SER B 85 7.14 21.63 29.04
CA SER B 85 7.26 21.90 30.47
C SER B 85 8.17 23.09 30.73
N PRO B 86 7.91 23.86 31.77
CA PRO B 86 8.80 25.00 32.09
C PRO B 86 10.20 24.55 32.49
N GLN B 87 10.34 23.36 33.08
CA GLN B 87 11.65 22.81 33.43
C GLN B 87 12.04 21.81 32.35
N ARG B 88 12.47 22.34 31.21
CA ARG B 88 12.86 21.50 30.09
C ARG B 88 14.13 20.73 30.41
N PRO B 89 14.31 19.55 29.83
CA PRO B 89 15.53 18.78 30.07
C PRO B 89 16.77 19.51 29.57
N ARG B 90 17.92 19.09 30.10
CA ARG B 90 19.18 19.73 29.73
C ARG B 90 19.53 19.49 28.27
N TYR B 91 19.10 18.37 27.70
CA TYR B 91 19.37 18.06 26.30
C TYR B 91 18.07 17.96 25.52
N TRP B 92 17.21 18.97 25.64
CA TRP B 92 15.93 18.96 24.97
C TRP B 92 16.05 19.11 23.45
N ARG B 93 17.13 19.71 22.97
CA ARG B 93 17.32 19.94 21.55
C ARG B 93 18.09 18.82 20.85
N GLY B 94 18.18 17.65 21.47
CA GLY B 94 18.90 16.54 20.87
C GLY B 94 18.44 15.18 21.36
N VAL B 95 18.03 14.31 20.43
CA VAL B 95 17.63 12.96 20.74
C VAL B 95 18.59 12.01 20.03
N LYS B 96 19.10 11.03 20.76
CA LYS B 96 20.05 10.07 20.22
C LYS B 96 19.34 8.74 19.92
N PHE B 97 19.65 8.18 18.75
CA PHE B 97 19.01 6.93 18.35
C PHE B 97 19.45 5.76 19.21
N ASN B 98 20.66 5.82 19.76
CA ASN B 98 21.24 4.71 20.50
C ASN B 98 20.76 4.64 21.95
N ASN B 99 19.76 5.41 22.32
CA ASN B 99 19.18 5.30 23.65
C ASN B 99 18.53 3.93 23.82
N PRO B 100 18.74 3.25 24.96
CA PRO B 100 18.17 1.90 25.12
C PRO B 100 16.66 1.86 25.04
N VAL B 101 15.97 2.86 25.63
CA VAL B 101 14.52 2.90 25.53
C VAL B 101 14.09 3.30 24.13
N PHE B 102 14.80 4.25 23.51
CA PHE B 102 14.45 4.70 22.17
C PHE B 102 14.62 3.60 21.15
N ARG B 103 15.69 2.81 21.27
CA ARG B 103 15.94 1.75 20.30
C ARG B 103 14.94 0.61 20.43
N SER B 104 14.41 0.39 21.63
CA SER B 104 13.47 -0.70 21.87
C SER B 104 12.02 -0.30 21.62
N THR B 105 11.72 0.99 21.47
CA THR B 105 10.36 1.45 21.28
C THR B 105 10.20 2.24 19.99
N VAL B 106 10.77 3.44 19.91
CA VAL B 106 10.57 4.30 18.74
C VAL B 106 11.25 3.71 17.51
N ASP B 107 12.53 3.35 17.64
CA ASP B 107 13.26 2.80 16.50
C ASP B 107 12.79 1.42 16.10
N ALA B 108 11.98 0.75 16.93
CA ALA B 108 11.37 -0.51 16.55
C ALA B 108 10.12 -0.33 15.70
N VAL B 109 9.66 0.90 15.50
CA VAL B 109 8.47 1.21 14.72
C VAL B 109 8.89 1.94 13.46
N GLN B 110 8.41 1.47 12.31
CA GLN B 110 8.72 2.12 11.04
C GLN B 110 8.04 3.49 10.98
N GLY B 111 8.84 4.55 10.94
CA GLY B 111 8.34 5.90 10.92
C GLY B 111 8.41 6.63 12.24
N GLY B 112 8.91 5.99 13.30
CA GLY B 112 9.00 6.65 14.59
C GLY B 112 9.98 7.80 14.60
N ARG B 113 11.03 7.72 13.79
CA ARG B 113 11.99 8.81 13.71
C ARG B 113 11.37 10.06 13.09
N ASP B 114 10.47 9.88 12.12
CA ASP B 114 9.84 11.03 11.48
C ASP B 114 8.95 11.80 12.43
N VAL B 115 8.42 11.14 13.46
CA VAL B 115 7.60 11.83 14.45
C VAL B 115 8.44 12.83 15.22
N LEU B 116 9.72 12.54 15.44
CA LEU B 116 10.60 13.50 16.10
C LEU B 116 10.83 14.73 15.23
N ARG B 117 10.86 14.57 13.91
CA ARG B 117 11.01 15.71 13.02
C ARG B 117 9.82 16.65 13.12
N LEU B 118 8.63 16.11 13.44
CA LEU B 118 7.46 16.96 13.62
C LEU B 118 7.60 17.85 14.84
N TYR B 119 8.34 17.40 15.87
CA TYR B 119 8.56 18.22 17.04
C TYR B 119 9.52 19.37 16.75
N GLY B 120 10.48 19.15 15.85
CA GLY B 120 11.44 20.17 15.52
C GLY B 120 12.84 19.63 15.29
N TYR B 121 13.03 18.34 15.58
CA TYR B 121 14.32 17.67 15.37
C TYR B 121 14.45 17.38 13.88
N THR B 122 14.80 18.42 13.13
CA THR B 122 14.86 18.34 11.67
C THR B 122 16.27 18.14 11.13
N GLU B 123 17.30 18.27 11.97
CA GLU B 123 18.68 18.14 11.50
C GLU B 123 19.17 16.72 11.76
N GLU B 124 19.48 16.02 10.68
CA GLU B 124 19.92 14.63 10.77
C GLU B 124 21.39 14.55 11.16
N GLN B 125 21.70 13.61 12.05
CA GLN B 125 23.03 13.38 12.56
C GLN B 125 23.29 11.88 12.56
N PRO B 126 24.55 11.44 12.56
CA PRO B 126 24.83 10.01 12.49
C PRO B 126 24.47 9.25 13.76
N ASP B 127 24.14 9.93 14.86
CA ASP B 127 23.72 9.28 16.08
C ASP B 127 22.32 9.68 16.54
N GLY B 128 21.69 10.64 15.88
CA GLY B 128 20.35 11.05 16.28
C GLY B 128 19.87 12.24 15.48
N LEU B 129 18.89 12.94 16.04
CA LEU B 129 18.35 14.15 15.47
C LEU B 129 18.53 15.29 16.47
N SER B 130 18.46 16.53 15.96
CA SER B 130 18.68 17.68 16.81
C SER B 130 17.87 18.86 16.31
N PHE B 131 17.53 19.75 17.23
CA PHE B 131 16.90 21.01 16.88
C PHE B 131 17.90 21.88 16.10
N PRO B 132 17.42 22.70 15.16
CA PRO B 132 18.36 23.45 14.31
C PRO B 132 19.12 24.49 15.12
N GLU B 133 20.41 24.62 14.81
CA GLU B 133 21.25 25.60 15.46
C GLU B 133 20.77 27.01 15.12
N GLY B 134 20.29 27.73 16.12
CA GLY B 134 19.71 29.04 15.90
C GLY B 134 18.33 29.14 16.51
N GLN B 135 17.61 28.02 16.53
CA GLN B 135 16.30 27.95 17.16
C GLN B 135 16.48 27.95 18.67
N GLU B 136 16.20 29.09 19.32
CA GLU B 136 16.41 29.21 20.75
C GLU B 136 15.36 28.42 21.53
N GLU B 137 14.09 28.54 21.14
CA GLU B 137 13.00 27.87 21.82
C GLU B 137 12.15 27.11 20.82
N PRO B 138 11.54 26.01 21.24
CA PRO B 138 10.68 25.25 20.32
C PRO B 138 9.32 25.89 20.16
N ASP B 139 8.74 25.69 18.98
CA ASP B 139 7.39 26.18 18.70
C ASP B 139 6.40 25.44 19.59
N GLU B 140 5.84 26.15 20.58
CA GLU B 140 4.96 25.51 21.54
C GLU B 140 3.68 25.02 20.88
N HIS B 141 3.12 25.81 19.95
CA HIS B 141 1.89 25.39 19.29
C HIS B 141 2.11 24.18 18.40
N GLN B 142 3.28 24.11 17.75
CA GLN B 142 3.59 22.95 16.91
C GLN B 142 3.80 21.71 17.75
N VAL B 143 4.53 21.84 18.87
CA VAL B 143 4.80 20.68 19.72
C VAL B 143 3.52 20.20 20.39
N ALA B 144 2.69 21.13 20.88
CA ALA B 144 1.46 20.75 21.57
C ALA B 144 0.49 20.07 20.63
N THR B 145 0.39 20.55 19.38
CA THR B 145 -0.52 19.94 18.43
C THR B 145 -0.08 18.53 18.07
N VAL B 146 1.23 18.34 17.86
CA VAL B 146 1.74 17.01 17.54
C VAL B 146 1.63 16.09 18.75
N THR B 147 1.92 16.61 19.94
CA THR B 147 1.79 15.80 21.15
C THR B 147 0.35 15.33 21.35
N LEU B 148 -0.62 16.20 21.05
CA LEU B 148 -2.02 15.81 21.18
C LEU B 148 -2.39 14.73 20.17
N GLU B 149 -1.89 14.84 18.94
CA GLU B 149 -2.18 13.83 17.93
C GLU B 149 -1.50 12.51 18.26
N VAL B 150 -0.28 12.56 18.82
CA VAL B 150 0.40 11.36 19.25
C VAL B 150 -0.36 10.70 20.40
N LEU B 151 -0.76 11.50 21.39
CA LEU B 151 -1.54 10.98 22.50
C LEU B 151 -2.88 10.44 22.03
N LEU B 152 -3.47 11.07 21.03
CA LEU B 152 -4.76 10.60 20.52
C LEU B 152 -4.62 9.25 19.82
N LEU B 153 -3.59 9.10 18.99
CA LEU B 153 -3.40 7.82 18.31
C LEU B 153 -3.08 6.71 19.30
N ARG B 154 -2.30 7.02 20.34
CA ARG B 154 -2.02 6.03 21.38
C ARG B 154 -3.30 5.63 22.11
N THR B 155 -4.16 6.61 22.41
CA THR B 155 -5.44 6.30 23.03
C THR B 155 -6.31 5.47 22.11
N GLU B 156 -6.30 5.80 20.81
CA GLU B 156 -7.09 5.02 19.85
C GLU B 156 -6.60 3.59 19.75
N LEU B 157 -5.28 3.39 19.75
CA LEU B 157 -4.74 2.03 19.74
C LEU B 157 -5.02 1.31 21.04
N SER B 158 -4.99 2.03 22.17
CA SER B 158 -5.30 1.41 23.45
C SER B 158 -6.76 1.00 23.52
N LEU B 159 -7.67 1.86 23.04
CA LEU B 159 -9.09 1.52 23.05
C LEU B 159 -9.39 0.29 22.20
N LEU B 160 -8.63 0.10 21.11
CA LEU B 160 -8.86 -1.07 20.28
C LEU B 160 -8.37 -2.35 20.96
N LEU B 161 -7.28 -2.26 21.71
CA LEU B 161 -6.77 -3.43 22.42
C LEU B 161 -7.70 -3.87 23.55
N GLN B 162 -8.56 -2.99 24.04
CA GLN B 162 -9.53 -3.32 25.08
C GLN B 162 -10.94 -3.51 24.54
N ASN B 163 -11.12 -3.45 23.22
CA ASN B 163 -12.43 -3.58 22.58
C ASN B 163 -13.42 -2.55 23.13
N THR B 164 -12.93 -1.33 23.35
CA THR B 164 -13.75 -0.24 23.86
C THR B 164 -13.74 0.98 22.96
N HIS B 165 -13.20 0.88 21.75
CA HIS B 165 -13.18 2.01 20.84
C HIS B 165 -14.59 2.34 20.39
N PRO B 166 -14.93 3.63 20.28
CA PRO B 166 -16.27 4.00 19.78
C PRO B 166 -16.53 3.49 18.38
N ARG B 167 -15.51 3.45 17.53
CA ARG B 167 -15.63 2.86 16.20
C ARG B 167 -14.82 1.58 16.13
N GLN B 168 -14.98 0.71 17.13
CA GLN B 168 -14.20 -0.53 17.18
C GLN B 168 -14.51 -1.43 16.00
N GLN B 169 -15.80 -1.57 15.67
CA GLN B 169 -16.18 -2.42 14.54
C GLN B 169 -15.69 -1.86 13.22
N ALA B 170 -15.65 -0.53 13.09
CA ALA B 170 -15.21 0.08 11.84
C ALA B 170 -13.70 0.00 11.66
N LEU B 171 -12.94 0.20 12.73
CA LEU B 171 -11.49 0.19 12.62
C LEU B 171 -10.95 -1.22 12.41
N GLU B 172 -11.65 -2.23 12.92
CA GLU B 172 -11.19 -3.61 12.74
C GLU B 172 -11.36 -4.09 11.31
N GLN B 173 -12.19 -3.42 10.50
CA GLN B 173 -12.32 -3.79 9.10
C GLN B 173 -11.11 -3.35 8.28
N LEU B 174 -10.29 -2.46 8.80
CA LEU B 174 -9.08 -2.01 8.12
C LEU B 174 -7.86 -2.86 8.45
N LEU B 175 -8.03 -3.89 9.27
CA LEU B 175 -6.92 -4.75 9.67
C LEU B 175 -7.16 -6.22 9.37
N GLU B 176 -8.34 -6.58 8.87
CA GLU B 176 -8.65 -7.97 8.56
C GLU B 176 -9.25 -8.11 7.16
N GLU C 3 -24.03 -25.19 -27.86
CA GLU C 3 -22.96 -25.08 -26.87
C GLU C 3 -23.40 -24.26 -25.67
N GLU C 4 -24.54 -23.58 -25.80
CA GLU C 4 -25.05 -22.76 -24.71
C GLU C 4 -25.55 -23.64 -23.56
N ARG C 5 -26.15 -24.78 -23.88
CA ARG C 5 -26.62 -25.69 -22.83
C ARG C 5 -25.46 -26.37 -22.12
N ALA C 6 -24.40 -26.69 -22.87
CA ALA C 6 -23.23 -27.30 -22.25
C ALA C 6 -22.48 -26.31 -21.35
N PHE C 7 -22.47 -25.03 -21.72
CA PHE C 7 -21.85 -24.02 -20.87
C PHE C 7 -22.62 -23.86 -19.57
N LEU C 8 -23.95 -23.80 -19.64
CA LEU C 8 -24.75 -23.66 -18.43
C LEU C 8 -24.79 -24.95 -17.61
N VAL C 9 -24.48 -26.09 -18.22
CA VAL C 9 -24.44 -27.34 -17.47
C VAL C 9 -23.27 -27.34 -16.49
N ALA C 10 -22.08 -27.00 -16.97
CA ALA C 10 -20.91 -26.90 -16.11
C ALA C 10 -20.88 -25.60 -15.31
N ARG C 11 -21.74 -24.64 -15.63
CA ARG C 11 -21.78 -23.39 -14.87
C ARG C 11 -22.35 -23.61 -13.48
N GLU C 12 -23.53 -24.24 -13.40
CA GLU C 12 -24.11 -24.53 -12.10
C GLU C 12 -23.33 -25.61 -11.34
N GLU C 13 -22.61 -26.46 -12.06
CA GLU C 13 -21.79 -27.48 -11.40
C GLU C 13 -20.67 -26.85 -10.59
N LEU C 14 -20.04 -25.81 -11.14
CA LEU C 14 -19.00 -25.09 -10.39
C LEU C 14 -19.60 -24.10 -9.42
N ALA C 15 -20.77 -23.52 -9.74
CA ALA C 15 -21.43 -22.62 -8.81
C ALA C 15 -21.94 -23.35 -7.58
N SER C 16 -22.37 -24.60 -7.73
CA SER C 16 -22.80 -25.37 -6.57
C SER C 16 -21.61 -25.86 -5.76
N ALA C 17 -20.49 -26.15 -6.41
CA ALA C 17 -19.30 -26.59 -5.68
C ALA C 17 -18.79 -25.51 -4.74
N LEU C 18 -18.88 -24.24 -5.16
CA LEU C 18 -18.50 -23.15 -4.27
C LEU C 18 -19.51 -22.98 -3.14
N ARG C 19 -20.76 -23.39 -3.35
CA ARG C 19 -21.77 -23.24 -2.32
C ARG C 19 -21.54 -24.21 -1.17
N ARG C 20 -21.24 -25.48 -1.48
CA ARG C 20 -20.93 -26.44 -0.44
C ARG C 20 -19.59 -26.15 0.21
N ASP C 21 -18.52 -26.13 -0.58
CA ASP C 21 -17.17 -25.87 -0.10
C ASP C 21 -16.64 -24.61 -0.78
N SER C 22 -16.67 -23.49 -0.06
CA SER C 22 -16.20 -22.23 -0.61
C SER C 22 -14.68 -22.21 -0.77
N GLY C 23 -13.95 -23.00 0.00
CA GLY C 23 -12.51 -23.07 -0.10
C GLY C 23 -11.98 -24.10 -1.07
N GLN C 24 -12.86 -24.82 -1.75
CA GLN C 24 -12.44 -25.85 -2.70
C GLN C 24 -11.86 -25.18 -3.94
N ALA C 25 -10.56 -25.37 -4.16
CA ALA C 25 -9.89 -24.81 -5.33
C ALA C 25 -10.23 -25.63 -6.57
N PHE C 26 -10.37 -24.95 -7.70
CA PHE C 26 -10.66 -25.59 -8.97
C PHE C 26 -9.39 -25.70 -9.81
N SER C 27 -9.34 -26.73 -10.64
CA SER C 27 -8.20 -26.99 -11.50
C SER C 27 -8.42 -26.38 -12.88
N LEU C 28 -7.35 -26.35 -13.67
CA LEU C 28 -7.46 -25.83 -15.03
C LEU C 28 -8.35 -26.70 -15.89
N GLU C 29 -8.28 -28.03 -15.70
CA GLU C 29 -9.14 -28.94 -16.44
C GLU C 29 -10.60 -28.79 -16.05
N GLN C 30 -10.88 -28.30 -14.84
CA GLN C 30 -12.26 -28.08 -14.43
C GLN C 30 -12.86 -26.85 -15.07
N LEU C 31 -12.04 -25.83 -15.34
CA LEU C 31 -12.50 -24.60 -15.97
C LEU C 31 -12.28 -24.59 -17.48
N ARG C 32 -11.54 -25.56 -18.02
CA ARG C 32 -11.27 -25.58 -19.45
C ARG C 32 -12.54 -25.68 -20.31
N PRO C 33 -13.57 -26.45 -19.94
CA PRO C 33 -14.83 -26.38 -20.70
C PRO C 33 -15.38 -24.97 -20.84
N LEU C 34 -15.13 -24.11 -19.84
CA LEU C 34 -15.60 -22.73 -19.88
C LEU C 34 -14.55 -21.78 -20.47
N LEU C 35 -13.35 -22.27 -20.76
CA LEU C 35 -12.26 -21.45 -21.27
C LEU C 35 -12.15 -21.47 -22.79
N ALA C 36 -12.13 -22.65 -23.39
CA ALA C 36 -12.01 -22.80 -24.83
C ALA C 36 -13.34 -22.65 -25.56
N SER C 37 -14.36 -22.10 -24.90
CA SER C 37 -15.67 -21.94 -25.52
C SER C 37 -15.67 -20.74 -26.46
N SER C 38 -16.13 -20.95 -27.69
CA SER C 38 -16.24 -19.88 -28.67
C SER C 38 -17.50 -19.05 -28.51
N LEU C 39 -18.25 -19.25 -27.42
CA LEU C 39 -19.45 -18.48 -27.17
C LEU C 39 -19.07 -17.01 -26.92
N PRO C 40 -19.98 -16.08 -27.22
CA PRO C 40 -19.67 -14.67 -26.98
C PRO C 40 -19.60 -14.35 -25.49
N LEU C 41 -18.98 -13.21 -25.19
CA LEU C 41 -18.78 -12.83 -23.79
C LEU C 41 -20.09 -12.51 -23.09
N ALA C 42 -21.09 -12.03 -23.83
CA ALA C 42 -22.37 -11.69 -23.23
C ALA C 42 -23.04 -12.93 -22.63
N ALA C 43 -22.80 -14.11 -23.20
CA ALA C 43 -23.36 -15.34 -22.67
C ALA C 43 -22.46 -16.02 -21.65
N ARG C 44 -21.18 -15.66 -21.61
CA ARG C 44 -20.25 -16.27 -20.65
C ARG C 44 -20.21 -15.55 -19.32
N TYR C 45 -20.54 -14.26 -19.29
CA TYR C 45 -20.56 -13.47 -18.07
C TYR C 45 -21.91 -12.78 -17.98
N LEU C 46 -22.78 -13.31 -17.10
CA LEU C 46 -24.13 -12.77 -16.97
C LEU C 46 -24.24 -11.69 -15.90
N GLN C 47 -23.40 -11.75 -14.86
CA GLN C 47 -23.39 -10.75 -13.81
C GLN C 47 -22.15 -9.88 -13.84
N LEU C 48 -20.97 -10.48 -13.98
CA LEU C 48 -19.73 -9.71 -14.03
C LEU C 48 -19.61 -9.00 -15.38
N ASP C 49 -19.32 -7.70 -15.33
CA ASP C 49 -19.12 -6.91 -16.54
C ASP C 49 -17.66 -7.07 -16.97
N ALA C 50 -17.37 -8.24 -17.56
CA ALA C 50 -16.01 -8.54 -17.99
C ALA C 50 -15.54 -7.58 -19.07
N ALA C 51 -16.45 -7.13 -19.93
CA ALA C 51 -16.07 -6.15 -20.95
C ALA C 51 -15.70 -4.82 -20.32
N ARG C 52 -16.38 -4.44 -19.23
CA ARG C 52 -16.07 -3.19 -18.56
C ARG C 52 -14.71 -3.26 -17.88
N LEU C 53 -14.41 -4.36 -17.19
CA LEU C 53 -13.17 -4.46 -16.44
C LEU C 53 -11.95 -4.47 -17.36
N VAL C 54 -12.07 -5.10 -18.53
CA VAL C 54 -10.94 -5.20 -19.44
C VAL C 54 -10.79 -3.92 -20.25
N ARG C 55 -11.89 -3.40 -20.79
CA ARG C 55 -11.80 -2.23 -21.67
C ARG C 55 -11.41 -0.99 -20.89
N CYS C 56 -11.97 -0.79 -19.70
CA CYS C 56 -11.71 0.42 -18.92
C CYS C 56 -10.38 0.38 -18.18
N ASN C 57 -9.60 -0.69 -18.30
CA ASN C 57 -8.33 -0.81 -17.59
C ASN C 57 -7.20 -1.30 -18.48
N ALA C 58 -7.41 -1.39 -19.79
CA ALA C 58 -6.36 -1.82 -20.71
C ALA C 58 -5.53 -0.61 -21.16
N HIS C 59 -4.81 -0.06 -20.18
CA HIS C 59 -3.97 1.11 -20.40
C HIS C 59 -2.54 0.78 -20.00
N GLY C 60 -1.60 1.12 -20.86
CA GLY C 60 -0.19 0.82 -20.61
C GLY C 60 0.24 -0.48 -21.26
N GLU C 61 1.27 -1.11 -20.70
CA GLU C 61 1.76 -2.37 -21.25
C GLU C 61 0.85 -3.52 -20.81
N PRO C 62 0.53 -4.45 -21.72
CA PRO C 62 -0.31 -5.59 -21.34
C PRO C 62 0.27 -6.41 -20.20
N ARG C 63 1.59 -6.52 -20.11
CA ARG C 63 2.22 -7.23 -19.00
C ARG C 63 1.98 -6.54 -17.65
N ASN C 64 1.46 -5.31 -17.66
CA ASN C 64 1.23 -4.57 -16.42
C ASN C 64 -0.23 -4.57 -16.00
N TYR C 65 -1.14 -4.15 -16.88
CA TYR C 65 -2.53 -4.04 -16.46
C TYR C 65 -3.23 -5.39 -16.37
N LEU C 66 -2.74 -6.40 -17.10
CA LEU C 66 -3.28 -7.74 -16.91
C LEU C 66 -2.90 -8.30 -15.55
N ASN C 67 -1.72 -7.93 -15.04
CA ASN C 67 -1.36 -8.29 -13.67
C ASN C 67 -2.22 -7.53 -12.67
N THR C 68 -2.41 -6.22 -12.88
CA THR C 68 -3.24 -5.43 -11.99
C THR C 68 -4.68 -5.92 -11.99
N LEU C 69 -5.19 -6.32 -13.17
CA LEU C 69 -6.55 -6.84 -13.26
C LEU C 69 -6.66 -8.20 -12.57
N SER C 70 -5.63 -9.04 -12.70
CA SER C 70 -5.67 -10.37 -12.10
C SER C 70 -5.61 -10.31 -10.58
N THR C 71 -4.76 -9.43 -10.04
CA THR C 71 -4.64 -9.32 -8.59
C THR C 71 -5.91 -8.75 -7.97
N ALA C 72 -6.53 -7.77 -8.64
CA ALA C 72 -7.77 -7.20 -8.13
C ALA C 72 -8.88 -8.25 -8.11
N LEU C 73 -8.94 -9.10 -9.14
CA LEU C 73 -9.95 -10.14 -9.18
C LEU C 73 -9.66 -11.25 -8.18
N ASN C 74 -8.38 -11.49 -7.88
CA ASN C 74 -8.03 -12.49 -6.88
C ASN C 74 -8.54 -12.08 -5.50
N ILE C 75 -8.49 -10.78 -5.19
CA ILE C 75 -9.02 -10.31 -3.92
C ILE C 75 -10.54 -10.27 -3.96
N LEU C 76 -11.12 -9.92 -5.10
CA LEU C 76 -12.58 -9.96 -5.25
C LEU C 76 -13.10 -11.39 -5.15
N GLU C 77 -12.33 -12.36 -5.62
CA GLU C 77 -12.71 -13.76 -5.45
C GLU C 77 -12.66 -14.17 -3.99
N LYS C 78 -11.71 -13.62 -3.22
CA LYS C 78 -11.64 -13.93 -1.81
C LYS C 78 -12.84 -13.36 -1.05
N TYR C 79 -13.37 -12.22 -1.48
CA TYR C 79 -14.54 -11.66 -0.82
C TYR C 79 -15.77 -12.53 -1.04
N GLY C 80 -15.95 -13.04 -2.27
CA GLY C 80 -17.10 -13.88 -2.54
C GLY C 80 -17.01 -15.24 -1.88
N ARG C 81 -15.80 -15.81 -1.84
CA ARG C 81 -15.62 -17.10 -1.17
C ARG C 81 -15.88 -16.99 0.33
N ASN C 82 -15.46 -15.89 0.95
CA ASN C 82 -15.69 -15.70 2.37
C ASN C 82 -17.18 -15.47 2.66
N LEU C 83 -17.92 -14.94 1.70
CA LEU C 83 -19.36 -14.76 1.90
C LEU C 83 -20.10 -16.08 1.90
N LEU C 84 -19.55 -17.10 1.24
CA LEU C 84 -20.15 -18.43 1.19
C LEU C 84 -19.56 -19.38 2.22
N SER C 85 -18.56 -18.94 2.98
CA SER C 85 -17.93 -19.83 3.94
C SER C 85 -18.85 -20.07 5.13
N PRO C 86 -18.90 -21.30 5.66
CA PRO C 86 -19.71 -21.55 6.86
C PRO C 86 -19.20 -20.78 8.07
N GLN C 87 -17.89 -20.58 8.18
CA GLN C 87 -17.32 -19.75 9.24
C GLN C 87 -17.03 -18.36 8.67
N ARG C 88 -18.10 -17.61 8.45
CA ARG C 88 -18.00 -16.30 7.86
C ARG C 88 -17.23 -15.36 8.78
N PRO C 89 -16.51 -14.38 8.22
CA PRO C 89 -15.83 -13.39 9.05
C PRO C 89 -16.83 -12.57 9.86
N ARG C 90 -16.34 -12.01 10.97
CA ARG C 90 -17.22 -11.27 11.87
C ARG C 90 -17.78 -10.01 11.24
N TYR C 91 -17.11 -9.46 10.22
CA TYR C 91 -17.58 -8.24 9.58
C TYR C 91 -17.76 -8.43 8.08
N TRP C 92 -18.50 -9.47 7.69
CA TRP C 92 -18.75 -9.75 6.28
C TRP C 92 -19.73 -8.78 5.66
N ARG C 93 -20.46 -7.99 6.46
CA ARG C 93 -21.51 -7.13 5.95
C ARG C 93 -20.98 -5.81 5.41
N GLY C 94 -19.72 -5.49 5.64
CA GLY C 94 -19.18 -4.20 5.21
C GLY C 94 -17.76 -4.33 4.70
N VAL C 95 -17.40 -3.43 3.80
CA VAL C 95 -16.06 -3.35 3.24
C VAL C 95 -15.62 -1.89 3.29
N LYS C 96 -14.42 -1.64 3.80
CA LYS C 96 -13.87 -0.30 3.92
C LYS C 96 -12.96 0.00 2.74
N PHE C 97 -13.15 1.17 2.13
CA PHE C 97 -12.34 1.54 0.97
C PHE C 97 -10.88 1.76 1.35
N ASN C 98 -10.61 2.20 2.57
CA ASN C 98 -9.27 2.54 3.01
C ASN C 98 -8.50 1.35 3.57
N ASN C 99 -9.02 0.13 3.39
CA ASN C 99 -8.27 -1.05 3.76
C ASN C 99 -7.00 -1.13 2.90
N PRO C 100 -5.83 -1.34 3.51
CA PRO C 100 -4.58 -1.24 2.73
C PRO C 100 -4.48 -2.24 1.59
N VAL C 101 -5.11 -3.40 1.73
CA VAL C 101 -5.16 -4.34 0.61
C VAL C 101 -6.15 -3.89 -0.44
N PHE C 102 -7.25 -3.23 -0.03
CA PHE C 102 -8.29 -2.84 -0.97
C PHE C 102 -7.81 -1.73 -1.90
N ARG C 103 -7.08 -0.74 -1.38
CA ARG C 103 -6.62 0.37 -2.21
C ARG C 103 -5.62 -0.10 -3.26
N SER C 104 -4.76 -1.06 -2.90
CA SER C 104 -3.71 -1.51 -3.80
C SER C 104 -4.22 -2.47 -4.86
N THR C 105 -5.42 -3.03 -4.71
CA THR C 105 -5.92 -4.03 -5.65
C THR C 105 -7.26 -3.62 -6.23
N VAL C 106 -8.35 -3.68 -5.46
CA VAL C 106 -9.69 -3.46 -6.02
C VAL C 106 -9.87 -2.01 -6.44
N ASP C 107 -9.59 -1.07 -5.53
CA ASP C 107 -9.78 0.34 -5.85
C ASP C 107 -8.80 0.86 -6.89
N ALA C 108 -7.77 0.08 -7.23
CA ALA C 108 -6.87 0.44 -8.30
C ALA C 108 -7.38 0.03 -9.68
N VAL C 109 -8.58 -0.53 -9.75
CA VAL C 109 -9.17 -1.00 -11.00
C VAL C 109 -10.50 -0.30 -11.20
N GLN C 110 -10.71 0.26 -12.39
CA GLN C 110 -11.96 0.94 -12.72
C GLN C 110 -13.09 -0.08 -12.78
N GLY C 111 -14.05 0.03 -11.87
CA GLY C 111 -15.16 -0.90 -11.82
C GLY C 111 -15.05 -1.97 -10.76
N GLY C 112 -14.01 -1.94 -9.93
CA GLY C 112 -13.87 -2.95 -8.89
C GLY C 112 -14.94 -2.83 -7.82
N ARG C 113 -15.33 -1.60 -7.48
CA ARG C 113 -16.38 -1.41 -6.49
C ARG C 113 -17.72 -1.97 -6.97
N ASP C 114 -17.96 -1.94 -8.28
CA ASP C 114 -19.21 -2.48 -8.81
C ASP C 114 -19.30 -3.99 -8.62
N VAL C 115 -18.15 -4.68 -8.58
CA VAL C 115 -18.15 -6.11 -8.32
C VAL C 115 -18.66 -6.39 -6.90
N LEU C 116 -18.28 -5.53 -5.95
CA LEU C 116 -18.78 -5.68 -4.59
C LEU C 116 -20.28 -5.46 -4.52
N ARG C 117 -20.82 -4.57 -5.36
CA ARG C 117 -22.26 -4.36 -5.40
C ARG C 117 -22.98 -5.60 -5.93
N LEU C 118 -22.37 -6.31 -6.86
CA LEU C 118 -22.94 -7.58 -7.32
C LEU C 118 -22.92 -8.62 -6.21
N TYR C 119 -21.96 -8.53 -5.29
CA TYR C 119 -21.93 -9.45 -4.16
C TYR C 119 -23.05 -9.16 -3.17
N GLY C 120 -23.47 -7.90 -3.08
CA GLY C 120 -24.52 -7.52 -2.15
C GLY C 120 -24.27 -6.18 -1.48
N TYR C 121 -23.00 -5.75 -1.46
CA TYR C 121 -22.63 -4.47 -0.87
C TYR C 121 -23.22 -3.34 -1.73
N THR C 122 -24.51 -3.07 -1.52
CA THR C 122 -25.22 -2.11 -2.33
C THR C 122 -25.26 -0.71 -1.70
N GLU C 123 -25.33 -0.63 -0.38
CA GLU C 123 -25.40 0.66 0.29
C GLU C 123 -24.01 1.26 0.45
N GLU C 124 -23.88 2.54 0.15
CA GLU C 124 -22.60 3.22 0.14
C GLU C 124 -22.42 4.10 1.38
N GLN C 125 -21.23 4.06 1.94
CA GLN C 125 -20.78 4.96 3.00
C GLN C 125 -19.65 5.83 2.50
N PRO C 126 -19.38 6.95 3.16
CA PRO C 126 -18.24 7.79 2.75
C PRO C 126 -16.90 7.09 2.86
N ASP C 127 -16.81 5.95 3.56
CA ASP C 127 -15.56 5.24 3.73
C ASP C 127 -15.63 3.78 3.29
N GLY C 128 -16.67 3.38 2.56
CA GLY C 128 -16.75 2.03 2.06
C GLY C 128 -18.15 1.67 1.64
N LEU C 129 -18.34 0.37 1.42
CA LEU C 129 -19.61 -0.22 1.03
C LEU C 129 -20.03 -1.27 2.05
N SER C 130 -21.34 -1.45 2.20
CA SER C 130 -21.86 -2.39 3.18
C SER C 130 -23.20 -2.95 2.72
N PHE C 131 -23.61 -4.02 3.40
CA PHE C 131 -24.91 -4.62 3.12
C PHE C 131 -26.03 -3.78 3.70
N PRO C 132 -27.24 -3.87 3.13
CA PRO C 132 -28.38 -3.18 3.73
C PRO C 132 -28.69 -3.73 5.11
N GLU C 133 -29.25 -2.87 5.97
CA GLU C 133 -29.55 -3.28 7.33
C GLU C 133 -30.66 -4.33 7.38
N GLY C 134 -31.57 -4.32 6.41
CA GLY C 134 -32.64 -5.29 6.40
C GLY C 134 -32.18 -6.68 6.00
N GLN C 135 -31.16 -6.76 5.16
CA GLN C 135 -30.65 -8.05 4.72
C GLN C 135 -29.77 -8.67 5.80
N GLU C 136 -30.05 -9.94 6.13
CA GLU C 136 -29.30 -10.64 7.17
C GLU C 136 -28.39 -11.74 6.64
N GLU C 137 -28.66 -12.27 5.45
CA GLU C 137 -27.83 -13.30 4.84
C GLU C 137 -27.71 -13.02 3.35
N PRO C 138 -26.52 -13.15 2.78
CA PRO C 138 -26.34 -12.85 1.36
C PRO C 138 -27.01 -13.89 0.47
N ASP C 139 -27.34 -13.46 -0.74
CA ASP C 139 -27.88 -14.37 -1.75
C ASP C 139 -26.80 -15.36 -2.16
N GLU C 140 -26.79 -16.54 -1.55
CA GLU C 140 -25.72 -17.51 -1.81
C GLU C 140 -25.69 -17.93 -3.27
N HIS C 141 -26.81 -17.84 -3.98
CA HIS C 141 -26.84 -18.15 -5.40
C HIS C 141 -26.17 -17.04 -6.22
N GLN C 142 -26.50 -15.78 -5.91
CA GLN C 142 -25.90 -14.67 -6.64
C GLN C 142 -24.43 -14.51 -6.29
N VAL C 143 -24.07 -14.71 -5.03
CA VAL C 143 -22.67 -14.58 -4.61
C VAL C 143 -21.81 -15.63 -5.29
N ALA C 144 -22.29 -16.89 -5.30
CA ALA C 144 -21.53 -17.95 -5.95
C ALA C 144 -21.46 -17.73 -7.47
N THR C 145 -22.50 -17.14 -8.05
CA THR C 145 -22.48 -16.86 -9.48
C THR C 145 -21.44 -15.79 -9.82
N VAL C 146 -21.36 -14.74 -9.00
CA VAL C 146 -20.38 -13.70 -9.25
C VAL C 146 -18.97 -14.19 -8.91
N THR C 147 -18.84 -14.97 -7.83
CA THR C 147 -17.54 -15.50 -7.45
C THR C 147 -16.98 -16.42 -8.53
N LEU C 148 -17.85 -17.20 -9.18
CA LEU C 148 -17.39 -18.09 -10.24
C LEU C 148 -16.94 -17.29 -11.46
N GLU C 149 -17.68 -16.24 -11.82
CA GLU C 149 -17.30 -15.42 -12.97
C GLU C 149 -16.04 -14.61 -12.68
N VAL C 150 -15.91 -14.12 -11.44
CA VAL C 150 -14.66 -13.47 -11.04
C VAL C 150 -13.51 -14.46 -11.11
N LEU C 151 -13.73 -15.67 -10.63
CA LEU C 151 -12.76 -16.75 -10.79
C LEU C 151 -12.48 -17.02 -12.25
N LEU C 152 -13.51 -16.90 -13.10
CA LEU C 152 -13.33 -17.17 -14.52
C LEU C 152 -12.47 -16.10 -15.19
N LEU C 153 -12.71 -14.83 -14.88
CA LEU C 153 -11.96 -13.75 -15.51
C LEU C 153 -10.51 -13.75 -15.03
N ARG C 154 -10.28 -14.04 -13.76
CA ARG C 154 -8.91 -14.12 -13.26
C ARG C 154 -8.12 -15.20 -13.96
N THR C 155 -8.76 -16.35 -14.24
CA THR C 155 -8.09 -17.44 -14.93
C THR C 155 -7.80 -17.07 -16.37
N GLU C 156 -8.74 -16.38 -17.04
CA GLU C 156 -8.52 -15.99 -18.42
C GLU C 156 -7.37 -14.99 -18.54
N LEU C 157 -7.29 -14.04 -17.60
CA LEU C 157 -6.20 -13.08 -17.64
C LEU C 157 -4.87 -13.72 -17.26
N SER C 158 -4.90 -14.71 -16.38
CA SER C 158 -3.65 -15.36 -15.96
C SER C 158 -3.09 -16.25 -17.07
N LEU C 159 -3.96 -16.95 -17.81
CA LEU C 159 -3.49 -17.79 -18.90
C LEU C 159 -2.93 -16.96 -20.05
N LEU C 160 -3.47 -15.77 -20.28
CA LEU C 160 -2.95 -14.92 -21.34
C LEU C 160 -1.56 -14.40 -21.01
N LEU C 161 -1.29 -14.16 -19.72
CA LEU C 161 0.05 -13.73 -19.31
C LEU C 161 1.07 -14.85 -19.45
N GLN C 162 0.61 -16.09 -19.36
CA GLN C 162 1.47 -17.26 -19.56
C GLN C 162 1.49 -17.74 -20.99
N ASN C 163 0.73 -17.10 -21.88
CA ASN C 163 0.63 -17.50 -23.29
C ASN C 163 0.16 -18.95 -23.43
N THR C 164 -0.71 -19.39 -22.51
CA THR C 164 -1.26 -20.74 -22.55
C THR C 164 -2.79 -20.73 -22.64
N HIS C 165 -3.38 -19.59 -22.98
CA HIS C 165 -4.83 -19.53 -23.14
C HIS C 165 -5.25 -20.34 -24.36
N PRO C 166 -6.36 -21.09 -24.27
CA PRO C 166 -6.80 -21.86 -25.44
C PRO C 166 -7.12 -21.00 -26.65
N ARG C 167 -7.62 -19.78 -26.44
CA ARG C 167 -7.84 -18.85 -27.53
C ARG C 167 -6.93 -17.64 -27.35
N GLN C 168 -5.62 -17.89 -27.20
CA GLN C 168 -4.68 -16.82 -26.92
C GLN C 168 -4.58 -15.84 -28.07
N GLN C 169 -4.39 -16.34 -29.29
CA GLN C 169 -4.21 -15.46 -30.44
C GLN C 169 -5.47 -14.64 -30.73
N ALA C 170 -6.65 -15.23 -30.50
CA ALA C 170 -7.89 -14.50 -30.76
C ALA C 170 -8.08 -13.36 -29.76
N LEU C 171 -7.77 -13.61 -28.48
CA LEU C 171 -7.94 -12.58 -27.47
C LEU C 171 -6.85 -11.52 -27.54
N GLU C 172 -5.65 -11.89 -28.02
CA GLU C 172 -4.59 -10.90 -28.16
C GLU C 172 -4.90 -9.88 -29.25
N GLN C 173 -5.69 -10.27 -30.25
CA GLN C 173 -6.09 -9.35 -31.31
C GLN C 173 -7.08 -8.29 -30.84
N LEU C 174 -7.67 -8.47 -29.66
CA LEU C 174 -8.61 -7.51 -29.11
C LEU C 174 -7.94 -6.49 -28.19
N LEU C 175 -6.62 -6.49 -28.12
CA LEU C 175 -5.87 -5.56 -27.28
C LEU C 175 -4.86 -4.74 -28.07
N GLU C 176 -4.85 -4.86 -29.39
CA GLU C 176 -3.91 -4.12 -30.21
C GLU C 176 -4.28 -2.64 -30.30
#